data_3BPM
#
_entry.id   3BPM
#
_cell.length_a   154.570
_cell.length_b   154.570
_cell.length_c   129.011
_cell.angle_alpha   90.00
_cell.angle_beta   90.00
_cell.angle_gamma   120.00
#
_symmetry.space_group_name_H-M   'H 3 2'
#
loop_
_entity.id
_entity.type
_entity.pdbx_description
1 polymer 'Cysteine protease falcipain-3'
2 polymer Leupeptin
3 non-polymer 'SULFATE ION'
4 water water
#
loop_
_entity_poly.entity_id
_entity_poly.type
_entity_poly.pdbx_seq_one_letter_code
_entity_poly.pdbx_strand_id
1 'polypeptide(L)'
;YEANYEDVIKKYKPADAKLDRIAYDWRLHGGVTPVKDQALCGSCWAFSSVGSVESQYAIRKKALFLFSEQELVDCSVKNN
GCYGGYITNAFDDMIDLGGLCSQDDYPYVSNLPETCNLKRCNERYTIKSYVSIPDDKFKEALRYLGPISISIAASDDFAF
YRGGFYDGECGAAPNHAVILVGYGMKDIYNEDTGRMEKFYYYIIKNSWGSDWGEGGYINLETDENGYKKTCSIGTEAYVP
LLE
;
A,B
2 'polypeptide(L)' (ACE)LL(AR7) D,C
#
# COMPACT_ATOMS: atom_id res chain seq x y z
N TYR A 1 -30.46 -8.90 -0.64
CA TYR A 1 -29.30 -7.91 -0.72
C TYR A 1 -28.27 -8.16 -1.79
N GLU A 2 -28.29 -9.30 -2.44
CA GLU A 2 -27.28 -9.60 -3.40
C GLU A 2 -27.80 -9.19 -4.76
N ALA A 3 -27.06 -8.33 -5.44
CA ALA A 3 -27.40 -7.90 -6.81
C ALA A 3 -26.90 -8.97 -7.77
N ASN A 4 -27.24 -8.81 -9.03
CA ASN A 4 -26.98 -9.79 -10.04
C ASN A 4 -26.02 -9.18 -11.06
N TYR A 5 -24.96 -9.93 -11.36
CA TYR A 5 -23.82 -9.41 -12.09
C TYR A 5 -24.23 -8.81 -13.41
N GLU A 6 -25.05 -9.53 -14.17
CA GLU A 6 -25.37 -9.06 -15.48
C GLU A 6 -26.11 -7.71 -15.38
N ASP A 7 -26.90 -7.49 -14.32
CA ASP A 7 -27.46 -6.15 -14.10
C ASP A 7 -26.39 -5.12 -13.71
N VAL A 8 -25.50 -5.51 -12.81
CA VAL A 8 -24.53 -4.55 -12.27
C VAL A 8 -23.47 -4.10 -13.28
N ILE A 9 -22.98 -5.02 -14.09
CA ILE A 9 -21.93 -4.67 -15.04
C ILE A 9 -22.40 -3.75 -16.15
N LYS A 10 -23.63 -3.91 -16.64
CA LYS A 10 -24.20 -2.97 -17.63
C LYS A 10 -24.26 -1.51 -17.14
N LYS A 11 -24.24 -1.34 -15.84
CA LYS A 11 -24.34 -0.05 -15.23
C LYS A 11 -22.96 0.58 -15.06
N TYR A 12 -21.93 -0.22 -14.82
CA TYR A 12 -20.60 0.30 -14.53
C TYR A 12 -19.56 0.12 -15.65
N LYS A 13 -19.79 -0.74 -16.64
CA LYS A 13 -18.83 -0.84 -17.76
C LYS A 13 -19.25 0.09 -18.91
N PRO A 14 -18.44 1.10 -19.20
CA PRO A 14 -18.86 1.96 -20.27
C PRO A 14 -19.18 1.13 -21.51
N ALA A 15 -20.26 1.49 -22.18
CA ALA A 15 -20.82 0.67 -23.23
C ALA A 15 -19.73 0.36 -24.21
N ASP A 16 -19.53 -0.93 -24.49
CA ASP A 16 -18.55 -1.36 -25.51
C ASP A 16 -17.08 -0.99 -25.24
N ALA A 17 -16.73 -0.68 -24.00
CA ALA A 17 -15.31 -0.55 -23.60
C ALA A 17 -14.58 -1.86 -23.95
N LYS A 18 -13.36 -1.76 -24.47
CA LYS A 18 -12.52 -2.95 -24.66
C LYS A 18 -11.60 -3.18 -23.45
N LEU A 19 -11.70 -4.36 -22.86
CA LEU A 19 -10.91 -4.66 -21.65
C LEU A 19 -9.45 -4.95 -21.98
N ASP A 20 -8.52 -4.18 -21.42
CA ASP A 20 -7.09 -4.53 -21.47
C ASP A 20 -6.84 -5.65 -20.45
N ARG A 21 -6.58 -6.85 -20.98
CA ARG A 21 -6.49 -8.02 -20.17
C ARG A 21 -5.03 -8.33 -19.77
N ILE A 22 -4.06 -7.54 -20.26
CA ILE A 22 -2.71 -7.85 -19.88
C ILE A 22 -2.37 -7.34 -18.49
N ALA A 23 -2.78 -6.14 -18.10
CA ALA A 23 -2.34 -5.60 -16.80
C ALA A 23 -3.28 -4.52 -16.23
N TYR A 24 -3.59 -4.61 -14.95
CA TYR A 24 -4.32 -3.53 -14.27
C TYR A 24 -4.18 -3.79 -12.77
N ASP A 25 -3.59 -2.84 -12.06
CA ASP A 25 -3.23 -3.03 -10.67
C ASP A 25 -3.79 -1.90 -9.85
N TRP A 26 -4.75 -2.23 -8.97
CA TRP A 26 -5.42 -1.17 -8.24
C TRP A 26 -4.49 -0.37 -7.39
N ARG A 27 -3.36 -0.94 -6.98
CA ARG A 27 -2.41 -0.17 -6.19
C ARG A 27 -1.81 0.99 -6.99
N LEU A 28 -1.80 0.89 -8.33
CA LEU A 28 -1.37 2.00 -9.14
C LEU A 28 -2.55 2.81 -9.67
N HIS A 29 -3.77 2.59 -9.16
CA HIS A 29 -4.93 3.38 -9.61
C HIS A 29 -5.86 3.78 -8.45
N GLY A 30 -5.29 3.85 -7.25
CA GLY A 30 -5.99 4.45 -6.12
C GLY A 30 -7.11 3.61 -5.53
N GLY A 31 -7.04 2.29 -5.70
CA GLY A 31 -8.11 1.40 -5.20
C GLY A 31 -7.79 0.47 -4.03
N VAL A 32 -6.69 0.74 -3.34
CA VAL A 32 -6.21 -0.18 -2.32
C VAL A 32 -5.72 0.62 -1.12
N THR A 33 -6.13 0.22 0.07
CA THR A 33 -5.77 0.89 1.28
C THR A 33 -4.63 0.06 1.91
N PRO A 34 -3.94 0.61 2.93
CA PRO A 34 -2.83 -0.13 3.54
C PRO A 34 -3.14 -1.51 4.06
N VAL A 35 -2.13 -2.33 4.06
CA VAL A 35 -2.24 -3.70 4.48
C VAL A 35 -2.45 -3.78 6.00
N LYS A 36 -3.28 -4.72 6.44
CA LYS A 36 -3.55 -4.95 7.87
C LYS A 36 -3.08 -6.34 8.27
N ASP A 37 -3.03 -6.56 9.58
CA ASP A 37 -2.67 -7.83 10.16
C ASP A 37 -3.77 -8.33 11.13
N GLN A 38 -4.42 -9.43 10.77
CA GLN A 38 -5.46 -10.02 11.60
C GLN A 38 -4.89 -10.68 12.85
N ALA A 39 -3.56 -10.79 12.92
CA ALA A 39 -2.85 -11.39 14.05
C ALA A 39 -3.48 -12.74 14.36
N LEU A 40 -3.63 -13.08 15.67
CA LEU A 40 -3.90 -14.45 16.12
C LEU A 40 -5.40 -14.65 16.32
N CYS A 41 -6.12 -14.59 15.22
CA CYS A 41 -7.56 -14.59 15.22
C CYS A 41 -7.97 -14.97 13.82
N GLY A 42 -8.94 -15.87 13.68
CA GLY A 42 -9.40 -16.32 12.38
C GLY A 42 -10.42 -15.39 11.75
N SER A 43 -10.08 -14.10 11.64
CA SER A 43 -10.99 -13.09 11.12
C SER A 43 -10.73 -12.66 9.66
N CYS A 44 -10.10 -13.53 8.86
CA CYS A 44 -9.88 -13.20 7.46
C CYS A 44 -11.18 -12.79 6.74
N TRP A 45 -12.30 -13.43 7.08
CA TRP A 45 -13.59 -13.10 6.48
C TRP A 45 -13.92 -11.62 6.66
N ALA A 46 -13.52 -11.07 7.80
CA ALA A 46 -13.83 -9.68 8.07
C ALA A 46 -12.87 -8.84 7.24
N PHE A 47 -11.58 -9.14 7.28
CA PHE A 47 -10.59 -8.30 6.65
C PHE A 47 -10.82 -8.21 5.14
N SER A 48 -11.17 -9.35 4.57
CA SER A 48 -11.45 -9.48 3.16
C SER A 48 -12.67 -8.66 2.80
N SER A 49 -13.77 -8.91 3.50
CA SER A 49 -15.00 -8.20 3.20
C SER A 49 -14.87 -6.70 3.48
N VAL A 50 -14.29 -6.34 4.63
CA VAL A 50 -14.15 -4.91 5.02
C VAL A 50 -13.17 -4.16 4.13
N GLY A 51 -12.05 -4.80 3.81
CA GLY A 51 -11.10 -4.20 2.87
C GLY A 51 -11.63 -3.95 1.46
N SER A 52 -12.40 -4.92 0.93
CA SER A 52 -13.35 -4.72 -0.18
C SER A 52 -14.12 -3.42 -0.16
N VAL A 53 -14.75 -3.14 0.98
CA VAL A 53 -15.52 -1.91 1.10
C VAL A 53 -14.58 -0.71 1.15
N GLU A 54 -13.49 -0.81 1.89
CA GLU A 54 -12.48 0.25 1.85
C GLU A 54 -12.09 0.54 0.37
N SER A 55 -11.85 -0.52 -0.39
CA SER A 55 -11.51 -0.35 -1.78
C SER A 55 -12.66 0.33 -2.60
N GLN A 56 -13.92 -0.10 -2.47
CA GLN A 56 -15.00 0.61 -3.21
C GLN A 56 -15.09 2.08 -2.87
N TYR A 57 -14.94 2.39 -1.60
CA TYR A 57 -15.04 3.77 -1.17
C TYR A 57 -13.94 4.57 -1.84
N ALA A 58 -12.70 4.08 -1.78
CA ALA A 58 -11.53 4.75 -2.38
C ALA A 58 -11.75 5.06 -3.86
N ILE A 59 -12.25 4.08 -4.59
CA ILE A 59 -12.47 4.17 -6.02
C ILE A 59 -13.61 5.15 -6.39
N ARG A 60 -14.73 5.09 -5.66
CA ARG A 60 -15.93 5.83 -5.97
C ARG A 60 -15.88 7.22 -5.40
N LYS A 61 -15.08 7.44 -4.37
CA LYS A 61 -15.03 8.75 -3.73
C LYS A 61 -13.69 9.43 -3.77
N LYS A 62 -12.68 8.76 -4.32
CA LYS A 62 -11.28 9.29 -4.36
C LYS A 62 -10.85 9.85 -2.99
N ALA A 63 -11.11 9.07 -1.94
CA ALA A 63 -10.81 9.48 -0.57
C ALA A 63 -10.45 8.26 0.24
N LEU A 64 -9.53 8.39 1.19
CA LEU A 64 -9.10 7.23 2.01
C LEU A 64 -10.03 6.96 3.21
N PHE A 65 -10.67 5.81 3.20
CA PHE A 65 -11.51 5.39 4.29
C PHE A 65 -10.93 4.15 4.94
N LEU A 66 -10.75 4.17 6.26
CA LEU A 66 -10.36 2.99 7.01
C LEU A 66 -11.49 2.50 7.90
N PHE A 67 -11.96 1.29 7.66
CA PHE A 67 -13.11 0.77 8.40
C PHE A 67 -12.75 -0.33 9.36
N SER A 68 -13.70 -0.65 10.23
CA SER A 68 -13.47 -1.55 11.38
C SER A 68 -13.90 -2.99 11.16
N GLU A 69 -12.90 -3.84 10.99
CA GLU A 69 -13.11 -5.29 11.08
C GLU A 69 -13.63 -5.73 12.46
N GLN A 70 -13.15 -5.09 13.51
CA GLN A 70 -13.48 -5.61 14.82
C GLN A 70 -14.97 -5.49 15.04
N GLU A 71 -15.59 -4.45 14.48
CA GLU A 71 -17.02 -4.31 14.59
C GLU A 71 -17.70 -5.55 14.06
N LEU A 72 -17.26 -6.07 12.91
CA LEU A 72 -17.93 -7.23 12.35
C LEU A 72 -17.67 -8.47 13.20
N VAL A 73 -16.42 -8.63 13.65
CA VAL A 73 -16.02 -9.72 14.50
C VAL A 73 -16.88 -9.79 15.74
N ASP A 74 -17.08 -8.65 16.40
CA ASP A 74 -17.90 -8.55 17.60
C ASP A 74 -19.40 -8.71 17.30
N CYS A 75 -19.86 -8.19 16.16
CA CYS A 75 -21.32 -8.01 15.98
C CYS A 75 -22.00 -8.91 15.00
N SER A 76 -21.28 -9.40 14.00
CA SER A 76 -21.87 -10.22 12.96
C SER A 76 -22.26 -11.58 13.51
N VAL A 77 -23.52 -11.69 13.91
CA VAL A 77 -24.05 -12.93 14.45
C VAL A 77 -24.09 -14.07 13.40
N LYS A 78 -24.16 -13.75 12.10
CA LYS A 78 -24.06 -14.79 11.05
C LYS A 78 -22.65 -15.39 10.84
N ASN A 79 -21.63 -14.88 11.54
CA ASN A 79 -20.28 -15.43 11.45
C ASN A 79 -19.77 -15.82 12.86
N ASN A 80 -18.54 -16.35 12.95
CA ASN A 80 -18.01 -16.85 14.21
C ASN A 80 -16.82 -16.09 14.73
N GLY A 81 -16.85 -14.77 14.64
CA GLY A 81 -15.77 -13.96 15.14
C GLY A 81 -14.44 -14.48 14.62
N CYS A 82 -13.58 -14.90 15.56
CA CYS A 82 -12.26 -15.40 15.30
C CYS A 82 -12.24 -16.86 14.92
N TYR A 83 -13.41 -17.48 14.80
CA TYR A 83 -13.47 -18.89 14.41
C TYR A 83 -14.05 -19.03 13.01
N GLY A 84 -13.78 -18.03 12.19
CA GLY A 84 -14.14 -18.13 10.78
C GLY A 84 -15.49 -17.54 10.42
N GLY A 85 -15.68 -17.31 9.11
CA GLY A 85 -16.96 -16.86 8.60
C GLY A 85 -17.08 -16.98 7.10
N TYR A 86 -18.05 -16.22 6.57
CA TYR A 86 -18.48 -16.24 5.20
C TYR A 86 -18.61 -14.84 4.59
N ILE A 87 -18.15 -14.71 3.34
CA ILE A 87 -18.14 -13.43 2.68
C ILE A 87 -19.52 -12.82 2.59
N THR A 88 -20.51 -13.59 2.10
CA THR A 88 -21.85 -13.03 1.95
C THR A 88 -22.45 -12.73 3.31
N ASN A 89 -22.28 -13.64 4.27
CA ASN A 89 -22.80 -13.39 5.64
C ASN A 89 -22.19 -12.08 6.16
N ALA A 90 -20.93 -11.83 5.82
CA ALA A 90 -20.25 -10.62 6.27
C ALA A 90 -20.96 -9.39 5.65
N PHE A 91 -21.31 -9.47 4.36
CA PHE A 91 -21.95 -8.33 3.68
C PHE A 91 -23.36 -8.13 4.21
N ASP A 92 -24.08 -9.22 4.39
CA ASP A 92 -25.41 -9.13 4.97
C ASP A 92 -25.40 -8.36 6.30
N ASP A 93 -24.50 -8.70 7.21
CA ASP A 93 -24.44 -8.06 8.51
C ASP A 93 -23.97 -6.59 8.39
N MET A 94 -23.12 -6.24 7.45
CA MET A 94 -22.80 -4.81 7.30
C MET A 94 -24.06 -4.04 7.02
N ILE A 95 -24.97 -4.64 6.25
CA ILE A 95 -26.18 -4.01 5.86
C ILE A 95 -27.18 -4.04 6.99
N ASP A 96 -27.41 -5.22 7.59
CA ASP A 96 -28.43 -5.30 8.65
C ASP A 96 -28.00 -4.51 9.90
N LEU A 97 -26.72 -4.41 10.20
CA LEU A 97 -26.29 -3.57 11.32
C LEU A 97 -26.37 -2.05 11.09
N GLY A 98 -26.62 -1.61 9.85
CA GLY A 98 -26.60 -0.17 9.53
C GLY A 98 -25.22 0.42 9.25
N GLY A 99 -24.31 -0.42 8.77
CA GLY A 99 -23.06 0.07 8.25
C GLY A 99 -21.80 -0.29 9.01
N LEU A 100 -20.69 -0.03 8.35
CA LEU A 100 -19.40 -0.14 8.98
C LEU A 100 -19.12 1.06 9.88
N CYS A 101 -18.27 0.90 10.86
CA CYS A 101 -17.68 2.01 11.63
C CYS A 101 -16.30 2.33 11.10
N SER A 102 -15.79 3.51 11.45
CA SER A 102 -14.41 3.82 11.17
C SER A 102 -13.54 2.98 12.07
N GLN A 103 -12.40 2.57 11.54
CA GLN A 103 -11.37 1.89 12.32
C GLN A 103 -10.94 2.66 13.59
N ASP A 104 -10.95 3.98 13.50
CA ASP A 104 -10.67 4.86 14.64
C ASP A 104 -11.66 4.77 15.75
N ASP A 105 -12.92 4.65 15.37
CA ASP A 105 -13.95 4.57 16.35
C ASP A 105 -13.94 3.22 17.05
N TYR A 106 -13.51 2.18 16.35
CA TYR A 106 -13.70 0.81 16.78
C TYR A 106 -12.48 -0.01 16.31
N PRO A 107 -11.34 0.15 17.01
CA PRO A 107 -10.06 -0.41 16.62
C PRO A 107 -9.92 -1.94 16.78
N TYR A 108 -8.92 -2.53 16.15
CA TYR A 108 -8.75 -3.98 16.18
C TYR A 108 -8.17 -4.45 17.48
N VAL A 109 -8.71 -5.55 17.95
CA VAL A 109 -8.39 -6.05 19.27
C VAL A 109 -8.12 -7.57 19.16
N SER A 110 -8.08 -8.05 17.92
CA SER A 110 -7.76 -9.42 17.60
C SER A 110 -8.67 -10.37 18.37
N ASN A 111 -8.10 -11.26 19.15
CA ASN A 111 -8.88 -12.31 19.80
C ASN A 111 -9.29 -11.99 21.26
N LEU A 112 -9.07 -10.75 21.68
CA LEU A 112 -9.61 -10.30 22.96
C LEU A 112 -11.15 -10.30 22.90
N PRO A 113 -11.79 -11.01 23.83
CA PRO A 113 -13.23 -10.93 23.86
C PRO A 113 -13.68 -9.46 23.95
N GLU A 114 -14.65 -9.07 23.13
CA GLU A 114 -15.21 -7.75 23.23
C GLU A 114 -16.67 -7.71 22.87
N THR A 115 -17.45 -7.07 23.76
CA THR A 115 -18.88 -6.85 23.59
C THR A 115 -19.14 -6.11 22.27
N CYS A 116 -20.21 -6.48 21.58
CA CYS A 116 -20.64 -5.71 20.45
C CYS A 116 -21.26 -4.40 20.99
N ASN A 117 -20.89 -3.25 20.44
CA ASN A 117 -21.35 -1.96 20.97
C ASN A 117 -21.25 -0.81 19.95
N LEU A 118 -22.31 -0.64 19.18
CA LEU A 118 -22.30 0.31 18.06
C LEU A 118 -22.36 1.77 18.51
N LYS A 119 -22.85 2.01 19.72
CA LYS A 119 -22.84 3.35 20.36
C LYS A 119 -21.45 4.00 20.40
N ARG A 120 -20.40 3.24 20.21
CA ARG A 120 -19.08 3.85 20.11
C ARG A 120 -18.76 4.29 18.69
N CYS A 121 -19.66 4.03 17.74
CA CYS A 121 -19.47 4.50 16.37
C CYS A 121 -20.20 5.79 16.19
N ASN A 122 -19.48 6.83 15.75
CA ASN A 122 -20.11 8.12 15.46
C ASN A 122 -20.64 8.05 14.03
N GLU A 123 -19.80 8.28 13.02
CA GLU A 123 -20.27 8.17 11.62
C GLU A 123 -20.35 6.71 11.22
N ARG A 124 -21.30 6.38 10.36
CA ARG A 124 -21.51 5.03 9.89
C ARG A 124 -21.42 5.06 8.40
N TYR A 125 -20.94 3.95 7.85
CA TYR A 125 -20.51 3.89 6.47
C TYR A 125 -21.09 2.64 5.85
N THR A 126 -22.02 2.88 4.95
CA THR A 126 -22.98 1.95 4.42
C THR A 126 -22.50 1.36 3.11
N ILE A 127 -23.00 0.16 2.82
CA ILE A 127 -23.09 -0.34 1.46
C ILE A 127 -24.56 -0.62 1.12
N LYS A 128 -24.93 -0.58 -0.16
CA LYS A 128 -26.27 -0.89 -0.64
C LYS A 128 -26.51 -2.36 -0.97
N SER A 129 -25.49 -3.02 -1.51
CA SER A 129 -25.60 -4.42 -1.90
C SER A 129 -24.22 -5.00 -2.22
N TYR A 130 -24.22 -6.24 -2.69
CA TYR A 130 -23.01 -6.89 -3.10
C TYR A 130 -23.34 -7.80 -4.26
N VAL A 131 -22.32 -8.15 -5.05
CA VAL A 131 -22.54 -8.93 -6.27
C VAL A 131 -21.55 -10.08 -6.44
N SER A 132 -22.07 -11.24 -6.78
CA SER A 132 -21.25 -12.41 -7.07
C SER A 132 -20.60 -12.26 -8.45
N ILE A 133 -19.31 -12.59 -8.51
CA ILE A 133 -18.55 -12.43 -9.73
C ILE A 133 -18.34 -13.77 -10.40
N PRO A 134 -18.87 -13.94 -11.61
CA PRO A 134 -18.74 -15.26 -12.24
C PRO A 134 -17.30 -15.65 -12.52
N ASP A 135 -17.07 -16.96 -12.52
CA ASP A 135 -15.73 -17.53 -12.63
C ASP A 135 -14.97 -17.03 -13.85
N ASP A 136 -15.68 -16.76 -14.95
CA ASP A 136 -15.03 -16.29 -16.16
C ASP A 136 -15.04 -14.77 -16.37
N LYS A 137 -15.22 -13.99 -15.31
CA LYS A 137 -15.29 -12.52 -15.42
C LYS A 137 -14.39 -11.73 -14.45
N PHE A 138 -13.37 -12.37 -13.87
CA PHE A 138 -12.61 -11.73 -12.81
C PHE A 138 -11.88 -10.49 -13.28
N LYS A 139 -11.31 -10.51 -14.49
CA LYS A 139 -10.56 -9.35 -14.93
C LYS A 139 -11.54 -8.23 -15.22
N GLU A 140 -12.67 -8.61 -15.80
CA GLU A 140 -13.66 -7.60 -16.17
C GLU A 140 -14.17 -6.98 -14.88
N ALA A 141 -14.53 -7.81 -13.90
CA ALA A 141 -15.02 -7.33 -12.60
C ALA A 141 -14.01 -6.43 -11.91
N LEU A 142 -12.73 -6.81 -11.98
CA LEU A 142 -11.68 -6.02 -11.35
C LEU A 142 -11.57 -4.63 -11.89
N ARG A 143 -11.54 -4.54 -13.21
CA ARG A 143 -11.30 -3.27 -13.85
C ARG A 143 -12.48 -2.35 -13.67
N TYR A 144 -13.69 -2.90 -13.75
CA TYR A 144 -14.87 -2.06 -13.82
C TYR A 144 -15.59 -1.96 -12.47
N LEU A 145 -15.56 -3.00 -11.67
CA LEU A 145 -16.26 -2.97 -10.40
C LEU A 145 -15.32 -2.68 -9.24
N GLY A 146 -14.14 -3.31 -9.24
CA GLY A 146 -13.13 -3.02 -8.23
C GLY A 146 -12.60 -4.28 -7.56
N PRO A 147 -11.75 -4.09 -6.54
CA PRO A 147 -11.26 -5.26 -5.82
C PRO A 147 -12.37 -6.21 -5.33
N ILE A 148 -12.08 -7.52 -5.37
CA ILE A 148 -13.06 -8.58 -5.14
C ILE A 148 -12.68 -9.35 -3.88
N SER A 149 -13.65 -9.46 -2.98
CA SER A 149 -13.50 -10.32 -1.82
C SER A 149 -13.60 -11.76 -2.29
N ILE A 150 -12.57 -12.56 -2.01
CA ILE A 150 -12.46 -13.90 -2.57
C ILE A 150 -11.96 -14.89 -1.54
N SER A 151 -12.43 -16.12 -1.68
CA SER A 151 -11.90 -17.25 -0.95
C SER A 151 -10.64 -17.75 -1.65
N ILE A 152 -9.81 -18.52 -0.92
CA ILE A 152 -8.60 -19.10 -1.47
C ILE A 152 -8.30 -20.35 -0.66
N ALA A 153 -7.75 -21.37 -1.31
CA ALA A 153 -7.32 -22.58 -0.62
C ALA A 153 -5.86 -22.45 -0.24
N ALA A 154 -5.62 -21.94 0.97
CA ALA A 154 -4.29 -21.68 1.47
C ALA A 154 -3.72 -23.01 1.94
N SER A 155 -2.41 -23.11 2.00
CA SER A 155 -1.74 -24.26 2.55
C SER A 155 -0.60 -23.78 3.44
N ASP A 156 0.03 -24.72 4.14
CA ASP A 156 1.11 -24.37 5.03
C ASP A 156 2.29 -23.73 4.29
N ASP A 157 2.42 -23.98 2.98
CA ASP A 157 3.45 -23.29 2.18
C ASP A 157 3.28 -21.77 2.17
N PHE A 158 2.07 -21.26 2.33
CA PHE A 158 1.90 -19.81 2.43
C PHE A 158 2.80 -19.21 3.53
N ALA A 159 3.07 -19.97 4.59
CA ALA A 159 3.91 -19.46 5.67
C ALA A 159 5.22 -18.88 5.14
N PHE A 160 5.82 -19.53 4.14
CA PHE A 160 7.16 -19.18 3.67
C PHE A 160 7.17 -18.07 2.64
N TYR A 161 6.00 -17.64 2.16
CA TYR A 161 5.95 -16.75 1.03
C TYR A 161 6.33 -15.33 1.41
N ARG A 162 7.26 -14.75 0.66
CA ARG A 162 7.76 -13.40 0.94
C ARG A 162 8.03 -12.66 -0.36
N GLY A 163 7.25 -12.96 -1.39
CA GLY A 163 7.38 -12.29 -2.67
C GLY A 163 7.69 -13.20 -3.84
N GLY A 164 7.83 -12.62 -5.03
CA GLY A 164 7.96 -13.38 -6.24
C GLY A 164 6.60 -13.87 -6.70
N PHE A 165 6.60 -14.98 -7.43
CA PHE A 165 5.37 -15.66 -7.83
C PHE A 165 5.30 -16.97 -7.08
N TYR A 166 4.21 -17.15 -6.35
CA TYR A 166 4.03 -18.32 -5.49
C TYR A 166 4.12 -19.63 -6.32
N ASP A 167 4.93 -20.60 -5.92
CA ASP A 167 4.85 -21.94 -6.52
C ASP A 167 4.89 -23.03 -5.40
N GLY A 168 4.23 -22.74 -4.29
CA GLY A 168 3.95 -23.74 -3.28
C GLY A 168 2.66 -24.46 -3.62
N GLU A 169 2.27 -25.36 -2.73
CA GLU A 169 1.13 -26.21 -2.94
C GLU A 169 -0.10 -25.41 -2.63
N CYS A 170 -1.27 -25.96 -2.98
CA CYS A 170 -2.51 -25.36 -2.54
C CYS A 170 -3.18 -26.18 -1.44
N GLY A 171 -4.07 -25.50 -0.74
CA GLY A 171 -4.94 -26.13 0.22
C GLY A 171 -5.83 -27.15 -0.49
N ALA A 172 -6.25 -28.13 0.31
CA ALA A 172 -7.20 -29.13 -0.13
C ALA A 172 -8.46 -28.39 -0.50
N ALA A 173 -8.93 -27.53 0.40
CA ALA A 173 -10.21 -26.84 0.24
C ALA A 173 -10.13 -25.33 0.53
N PRO A 174 -11.08 -24.56 -0.01
CA PRO A 174 -11.11 -23.13 0.31
C PRO A 174 -11.27 -22.86 1.82
N ASN A 175 -10.40 -22.04 2.37
CA ASN A 175 -10.25 -21.94 3.81
C ASN A 175 -9.79 -20.56 4.33
N HIS A 176 -9.53 -19.63 3.43
CA HIS A 176 -9.04 -18.33 3.84
C HIS A 176 -9.71 -17.33 2.92
N ALA A 177 -9.78 -16.08 3.35
CA ALA A 177 -10.45 -14.99 2.59
C ALA A 177 -9.43 -13.88 2.36
N VAL A 178 -9.29 -13.45 1.10
CA VAL A 178 -8.38 -12.37 0.72
C VAL A 178 -9.09 -11.44 -0.24
N ILE A 179 -8.38 -10.43 -0.74
CA ILE A 179 -8.93 -9.47 -1.66
C ILE A 179 -8.14 -9.55 -2.95
N LEU A 180 -8.85 -9.71 -4.07
CA LEU A 180 -8.22 -9.68 -5.38
C LEU A 180 -8.11 -8.24 -5.83
N VAL A 181 -6.90 -7.75 -6.06
CA VAL A 181 -6.65 -6.31 -6.30
C VAL A 181 -6.14 -5.98 -7.68
N GLY A 182 -5.83 -7.00 -8.50
CA GLY A 182 -5.27 -6.70 -9.84
C GLY A 182 -4.74 -7.89 -10.60
N TYR A 183 -4.19 -7.61 -11.78
CA TYR A 183 -3.53 -8.64 -12.55
C TYR A 183 -2.30 -8.05 -13.29
N GLY A 184 -1.36 -8.89 -13.71
CA GLY A 184 -0.19 -8.41 -14.43
C GLY A 184 0.37 -9.41 -15.39
N MET A 185 1.37 -8.96 -16.15
CA MET A 185 2.12 -9.80 -17.05
C MET A 185 3.60 -9.44 -16.99
N LYS A 186 4.47 -10.44 -16.95
CA LYS A 186 5.90 -10.21 -17.13
C LYS A 186 6.36 -10.98 -18.33
N ASP A 187 7.10 -10.31 -19.21
CA ASP A 187 7.73 -10.96 -20.32
C ASP A 187 8.98 -11.63 -19.81
N ILE A 188 8.98 -12.94 -19.61
CA ILE A 188 10.21 -13.60 -19.15
C ILE A 188 10.98 -14.24 -20.31
N TYR A 189 12.27 -13.91 -20.46
CA TYR A 189 13.16 -14.63 -21.38
C TYR A 189 13.32 -16.06 -20.91
N ASN A 190 13.35 -16.99 -21.85
CA ASN A 190 13.49 -18.42 -21.56
C ASN A 190 14.83 -18.95 -22.13
N GLU A 191 15.79 -19.21 -21.23
CA GLU A 191 17.16 -19.57 -21.59
C GLU A 191 17.20 -20.81 -22.47
N ASP A 192 16.27 -21.75 -22.24
CA ASP A 192 16.21 -23.02 -23.00
C ASP A 192 15.74 -22.76 -24.43
N THR A 193 14.54 -22.19 -24.52
CA THR A 193 13.88 -21.98 -25.78
C THR A 193 14.54 -20.81 -26.50
N GLY A 194 15.13 -19.87 -25.75
CA GLY A 194 15.70 -18.65 -26.35
C GLY A 194 14.66 -17.69 -26.91
N ARG A 195 13.41 -17.87 -26.49
CA ARG A 195 12.29 -16.99 -26.83
C ARG A 195 11.77 -16.32 -25.57
N MET A 196 11.30 -15.10 -25.75
CA MET A 196 10.53 -14.43 -24.73
C MET A 196 9.16 -15.12 -24.60
N GLU A 197 8.69 -15.25 -23.39
CA GLU A 197 7.32 -15.65 -23.24
C GLU A 197 6.63 -14.88 -22.15
N LYS A 198 5.30 -14.87 -22.24
CA LYS A 198 4.50 -14.06 -21.34
C LYS A 198 3.98 -14.87 -20.17
N PHE A 199 4.04 -14.23 -19.01
CA PHE A 199 3.60 -14.83 -17.76
C PHE A 199 2.55 -13.92 -17.15
N TYR A 200 1.31 -14.42 -17.05
CA TYR A 200 0.20 -13.64 -16.46
C TYR A 200 -0.02 -14.00 -15.02
N TYR A 201 -0.50 -13.01 -14.25
CA TYR A 201 -0.76 -13.30 -12.86
C TYR A 201 -1.77 -12.36 -12.27
N TYR A 202 -2.42 -12.87 -11.23
CA TYR A 202 -3.32 -12.12 -10.38
C TYR A 202 -2.54 -11.62 -9.17
N ILE A 203 -2.99 -10.49 -8.62
CA ILE A 203 -2.39 -9.81 -7.49
C ILE A 203 -3.43 -9.78 -6.36
N ILE A 204 -3.00 -10.19 -5.16
CA ILE A 204 -3.90 -10.41 -4.02
C ILE A 204 -3.39 -9.75 -2.73
N LYS A 205 -4.27 -9.04 -2.03
CA LYS A 205 -3.95 -8.39 -0.76
C LYS A 205 -4.34 -9.34 0.36
N ASN A 206 -3.36 -9.77 1.17
CA ASN A 206 -3.60 -10.68 2.28
C ASN A 206 -3.69 -9.84 3.56
N SER A 207 -4.13 -10.43 4.65
CA SER A 207 -4.26 -9.67 5.87
C SER A 207 -3.35 -10.22 6.97
N TRP A 208 -2.08 -10.48 6.61
CA TRP A 208 -1.08 -11.00 7.55
C TRP A 208 0.08 -10.05 7.77
N GLY A 209 -0.12 -8.77 7.53
CA GLY A 209 0.91 -7.78 7.74
C GLY A 209 1.76 -7.62 6.49
N SER A 210 2.52 -6.52 6.47
CA SER A 210 3.32 -6.17 5.31
C SER A 210 4.61 -6.99 5.25
N ASP A 211 4.96 -7.65 6.34
CA ASP A 211 6.10 -8.55 6.40
C ASP A 211 5.80 -9.93 5.82
N TRP A 212 4.56 -10.21 5.47
CA TRP A 212 4.29 -11.42 4.73
C TRP A 212 4.24 -11.04 3.26
N GLY A 213 4.72 -11.97 2.41
CA GLY A 213 4.64 -11.81 0.97
C GLY A 213 5.34 -10.57 0.47
N GLU A 214 4.76 -9.99 -0.58
CA GLU A 214 5.28 -8.83 -1.27
C GLU A 214 4.64 -7.60 -0.69
N GLY A 215 5.21 -7.11 0.39
CA GLY A 215 4.65 -6.01 1.16
C GLY A 215 3.25 -6.27 1.70
N GLY A 216 2.84 -7.53 1.84
CA GLY A 216 1.45 -7.84 2.22
C GLY A 216 0.67 -8.61 1.18
N TYR A 217 1.18 -8.64 -0.05
CA TYR A 217 0.47 -9.17 -1.22
C TYR A 217 1.13 -10.42 -1.76
N ILE A 218 0.40 -11.17 -2.57
CA ILE A 218 0.87 -12.42 -3.18
C ILE A 218 0.51 -12.46 -4.66
N ASN A 219 1.46 -12.86 -5.50
CA ASN A 219 1.23 -12.96 -6.94
C ASN A 219 1.02 -14.42 -7.34
N LEU A 220 -0.09 -14.70 -8.02
CA LEU A 220 -0.44 -16.06 -8.41
C LEU A 220 -0.63 -16.15 -9.91
N GLU A 221 -0.01 -17.17 -10.52
CA GLU A 221 -0.18 -17.42 -11.92
C GLU A 221 -1.65 -17.54 -12.38
N THR A 222 -1.92 -16.91 -13.52
CA THR A 222 -3.14 -17.17 -14.28
C THR A 222 -2.81 -17.20 -15.76
N ASP A 223 -3.81 -17.04 -16.62
CA ASP A 223 -3.57 -17.03 -18.06
C ASP A 223 -4.06 -15.71 -18.60
N GLU A 224 -4.00 -15.55 -19.93
CA GLU A 224 -4.42 -14.31 -20.58
C GLU A 224 -5.84 -13.90 -20.25
N ASN A 225 -6.77 -14.85 -20.28
CA ASN A 225 -8.19 -14.55 -19.99
C ASN A 225 -8.48 -14.39 -18.52
N GLY A 226 -7.55 -14.80 -17.68
CA GLY A 226 -7.82 -14.86 -16.28
C GLY A 226 -8.81 -15.94 -15.90
N TYR A 227 -8.83 -17.04 -16.66
CA TYR A 227 -9.65 -18.19 -16.29
C TYR A 227 -8.94 -19.16 -15.35
N LYS A 228 -7.62 -19.27 -15.47
CA LYS A 228 -6.82 -20.14 -14.60
C LYS A 228 -6.91 -19.65 -13.19
N LYS A 229 -7.28 -20.55 -12.28
CA LYS A 229 -7.51 -20.19 -10.89
C LYS A 229 -6.54 -20.92 -9.97
N THR A 230 -5.35 -20.40 -9.81
CA THR A 230 -4.38 -20.99 -8.88
C THR A 230 -4.95 -20.89 -7.47
N CYS A 231 -4.77 -21.97 -6.71
CA CYS A 231 -5.30 -22.14 -5.37
C CYS A 231 -6.80 -21.90 -5.20
N SER A 232 -7.55 -22.16 -6.28
CA SER A 232 -9.00 -22.14 -6.22
C SER A 232 -9.53 -20.78 -5.84
N ILE A 233 -8.76 -19.74 -6.13
CA ILE A 233 -9.17 -18.39 -5.79
C ILE A 233 -10.52 -18.07 -6.44
N GLY A 234 -11.42 -17.48 -5.66
CA GLY A 234 -12.61 -16.87 -6.21
C GLY A 234 -13.79 -17.81 -6.38
N THR A 235 -13.65 -19.02 -5.86
CA THR A 235 -14.78 -19.92 -5.72
C THR A 235 -15.95 -19.19 -5.04
N GLU A 236 -15.65 -18.40 -4.02
CA GLU A 236 -16.54 -17.38 -3.56
C GLU A 236 -15.86 -16.09 -3.93
N ALA A 237 -16.61 -15.18 -4.56
CA ALA A 237 -16.07 -13.95 -5.23
C ALA A 237 -17.13 -12.84 -5.23
N TYR A 238 -16.93 -11.84 -4.39
CA TYR A 238 -17.92 -10.80 -4.27
C TYR A 238 -17.31 -9.44 -4.24
N VAL A 239 -18.06 -8.51 -4.84
CA VAL A 239 -17.77 -7.07 -4.75
C VAL A 239 -18.92 -6.27 -4.08
N PRO A 240 -18.57 -5.47 -3.06
CA PRO A 240 -19.59 -4.64 -2.43
C PRO A 240 -19.91 -3.41 -3.33
N LEU A 241 -21.16 -2.93 -3.31
CA LEU A 241 -21.61 -1.79 -4.13
C LEU A 241 -22.17 -0.66 -3.27
N LEU A 242 -21.72 0.57 -3.51
CA LEU A 242 -22.14 1.72 -2.72
C LEU A 242 -23.53 2.31 -3.06
N GLU A 243 -24.15 1.85 -4.13
CA GLU A 243 -25.48 2.39 -4.50
C GLU A 243 -26.25 1.37 -5.31
N GLU B 2 22.67 17.49 -8.08
CA GLU B 2 21.63 18.35 -7.43
C GLU B 2 21.05 19.48 -8.30
N ALA B 3 19.74 19.45 -8.56
CA ALA B 3 19.05 20.43 -9.43
C ALA B 3 18.51 21.62 -8.65
N ASN B 4 18.16 22.70 -9.36
CA ASN B 4 17.57 23.93 -8.78
C ASN B 4 16.03 23.82 -8.78
N TYR B 5 15.41 23.92 -7.60
CA TYR B 5 13.96 23.74 -7.48
C TYR B 5 13.17 24.67 -8.41
N GLU B 6 13.57 25.93 -8.46
CA GLU B 6 12.80 26.91 -9.24
C GLU B 6 12.73 26.53 -10.71
N ASP B 7 13.78 25.90 -11.20
CA ASP B 7 13.83 25.47 -12.59
C ASP B 7 13.06 24.18 -12.77
N VAL B 8 13.24 23.25 -11.84
CA VAL B 8 12.55 21.98 -11.91
C VAL B 8 11.03 22.13 -11.89
N ILE B 9 10.54 22.99 -11.01
CA ILE B 9 9.09 23.14 -10.88
C ILE B 9 8.50 23.76 -12.17
N LYS B 10 9.17 24.73 -12.78
CA LYS B 10 8.67 25.32 -14.03
C LYS B 10 8.49 24.21 -15.08
N LYS B 11 9.43 23.27 -15.08
CA LYS B 11 9.41 22.15 -16.01
C LYS B 11 8.20 21.24 -15.69
N TYR B 12 7.98 20.94 -14.40
CA TYR B 12 6.99 19.92 -13.97
C TYR B 12 5.56 20.43 -13.74
N LYS B 13 5.41 21.61 -13.12
CA LYS B 13 4.08 22.21 -12.96
C LYS B 13 3.58 22.88 -14.27
N PRO B 14 2.44 22.44 -14.82
CA PRO B 14 1.81 23.09 -15.95
C PRO B 14 1.54 24.58 -15.72
N ALA B 15 1.74 25.38 -16.76
CA ALA B 15 1.71 26.83 -16.63
C ALA B 15 0.35 27.32 -16.16
N ASP B 16 -0.69 26.60 -16.53
CA ASP B 16 -2.06 26.99 -16.18
C ASP B 16 -2.50 26.37 -14.86
N ALA B 17 -1.66 25.53 -14.27
CA ALA B 17 -2.05 24.79 -13.08
C ALA B 17 -2.25 25.69 -11.85
N LYS B 18 -3.30 25.41 -11.08
CA LYS B 18 -3.47 26.02 -9.76
C LYS B 18 -3.57 24.93 -8.68
N LEU B 19 -2.64 24.98 -7.72
CA LEU B 19 -2.54 24.01 -6.60
C LEU B 19 -3.78 23.99 -5.73
N ASP B 20 -4.23 22.79 -5.41
CA ASP B 20 -5.30 22.62 -4.46
C ASP B 20 -4.65 22.16 -3.13
N ARG B 21 -4.53 23.09 -2.22
CA ARG B 21 -3.80 22.90 -0.98
C ARG B 21 -4.52 22.06 0.06
N ILE B 22 -5.74 21.60 -0.25
CA ILE B 22 -6.57 20.86 0.73
C ILE B 22 -6.17 19.41 0.88
N ALA B 23 -6.00 18.70 -0.24
CA ALA B 23 -5.88 17.23 -0.22
C ALA B 23 -5.19 16.67 -1.46
N TYR B 24 -4.23 15.78 -1.25
CA TYR B 24 -3.65 15.07 -2.37
C TYR B 24 -2.76 13.96 -1.82
N ASP B 25 -3.13 12.74 -2.10
CA ASP B 25 -2.60 11.57 -1.41
C ASP B 25 -2.10 10.64 -2.51
N TRP B 26 -0.78 10.47 -2.60
CA TRP B 26 -0.19 9.69 -3.69
C TRP B 26 -0.56 8.21 -3.62
N ARG B 27 -1.12 7.76 -2.50
CA ARG B 27 -1.71 6.42 -2.41
C ARG B 27 -2.99 6.28 -3.23
N LEU B 28 -3.65 7.38 -3.50
CA LEU B 28 -4.86 7.41 -4.30
C LEU B 28 -4.59 7.86 -5.77
N HIS B 29 -3.32 7.98 -6.15
CA HIS B 29 -2.93 8.33 -7.51
C HIS B 29 -1.64 7.59 -7.91
N GLY B 30 -1.49 6.31 -7.57
CA GLY B 30 -0.43 5.51 -8.16
C GLY B 30 1.04 5.82 -7.85
N GLY B 31 1.33 6.53 -6.77
CA GLY B 31 2.71 6.93 -6.43
C GLY B 31 3.33 6.34 -5.16
N VAL B 32 2.81 5.23 -4.66
CA VAL B 32 3.32 4.67 -3.39
C VAL B 32 3.42 3.14 -3.48
N THR B 33 4.49 2.58 -2.92
CA THR B 33 4.72 1.14 -2.96
C THR B 33 4.45 0.66 -1.56
N PRO B 34 4.24 -0.65 -1.39
CA PRO B 34 3.83 -1.14 -0.08
C PRO B 34 4.85 -0.85 1.01
N VAL B 35 4.41 -0.93 2.26
CA VAL B 35 5.27 -0.55 3.36
C VAL B 35 6.31 -1.63 3.60
N LYS B 36 7.57 -1.21 3.80
CA LYS B 36 8.65 -2.09 4.24
C LYS B 36 8.99 -1.91 5.73
N ASP B 37 9.87 -2.79 6.22
CA ASP B 37 10.28 -2.83 7.63
C ASP B 37 11.80 -2.90 7.73
N GLN B 38 12.42 -1.87 8.29
CA GLN B 38 13.89 -1.83 8.41
C GLN B 38 14.45 -2.72 9.52
N ALA B 39 13.58 -3.29 10.36
CA ALA B 39 14.05 -4.20 11.43
C ALA B 39 15.00 -3.46 12.40
N LEU B 40 15.93 -4.18 13.03
CA LEU B 40 16.83 -3.55 14.00
C LEU B 40 17.93 -2.67 13.36
N CYS B 41 18.03 -2.65 12.06
CA CYS B 41 19.03 -1.83 11.39
C CYS B 41 18.63 -0.34 11.35
N GLY B 42 19.56 0.55 11.69
CA GLY B 42 19.28 1.97 11.70
C GLY B 42 19.41 2.59 10.30
N SER B 43 18.62 2.06 9.37
CA SER B 43 18.77 2.36 7.97
C SER B 43 17.63 3.17 7.39
N CYS B 44 16.91 3.91 8.22
CA CYS B 44 15.80 4.76 7.72
C CYS B 44 16.18 5.64 6.55
N TRP B 45 17.43 6.11 6.53
CA TRP B 45 17.92 6.96 5.42
C TRP B 45 17.87 6.23 4.08
N ALA B 46 18.20 4.96 4.13
CA ALA B 46 18.18 4.12 2.95
C ALA B 46 16.73 3.89 2.52
N PHE B 47 15.86 3.51 3.45
CA PHE B 47 14.43 3.31 3.10
C PHE B 47 13.73 4.58 2.62
N SER B 48 14.04 5.71 3.22
CA SER B 48 13.43 6.95 2.79
C SER B 48 13.91 7.34 1.38
N SER B 49 15.21 7.45 1.18
CA SER B 49 15.72 7.79 -0.14
C SER B 49 15.23 6.76 -1.15
N VAL B 50 15.54 5.49 -0.93
CA VAL B 50 15.17 4.47 -1.91
C VAL B 50 13.68 4.51 -2.17
N GLY B 51 12.87 4.61 -1.14
CA GLY B 51 11.44 4.61 -1.35
C GLY B 51 10.94 5.79 -2.18
N SER B 52 11.57 6.96 -2.08
CA SER B 52 11.12 8.10 -2.89
C SER B 52 11.47 7.86 -4.35
N VAL B 53 12.52 7.08 -4.57
CA VAL B 53 12.86 6.72 -5.90
C VAL B 53 11.78 5.77 -6.36
N GLU B 54 11.40 4.80 -5.56
CA GLU B 54 10.37 3.87 -6.02
C GLU B 54 9.14 4.67 -6.39
N SER B 55 8.79 5.65 -5.56
CA SER B 55 7.64 6.49 -5.86
C SER B 55 7.82 7.28 -7.18
N GLN B 56 9.00 7.81 -7.46
CA GLN B 56 9.20 8.50 -8.75
C GLN B 56 9.02 7.54 -9.92
N TYR B 57 9.58 6.34 -9.82
CA TYR B 57 9.43 5.38 -10.92
C TYR B 57 7.96 5.03 -11.20
N ALA B 58 7.18 4.78 -10.16
CA ALA B 58 5.75 4.48 -10.30
C ALA B 58 5.02 5.65 -10.93
N ILE B 59 5.34 6.86 -10.48
CA ILE B 59 4.66 8.03 -10.98
C ILE B 59 4.94 8.24 -12.48
N ARG B 60 6.22 8.12 -12.86
CA ARG B 60 6.70 8.47 -14.19
C ARG B 60 6.67 7.29 -15.16
N LYS B 61 6.73 6.07 -14.65
CA LYS B 61 6.75 4.92 -15.55
C LYS B 61 5.48 4.09 -15.46
N LYS B 62 4.63 4.38 -14.48
CA LYS B 62 3.34 3.72 -14.31
C LYS B 62 3.45 2.20 -14.22
N ALA B 63 4.35 1.77 -13.35
CA ALA B 63 4.56 0.37 -13.09
C ALA B 63 5.18 0.30 -11.70
N LEU B 64 5.03 -0.85 -11.07
CA LEU B 64 5.57 -1.04 -9.75
C LEU B 64 7.05 -1.45 -9.85
N PHE B 65 7.93 -0.69 -9.22
CA PHE B 65 9.31 -1.09 -9.12
C PHE B 65 9.69 -1.24 -7.66
N LEU B 66 10.30 -2.37 -7.31
CA LEU B 66 10.80 -2.64 -5.97
C LEU B 66 12.36 -2.69 -5.93
N PHE B 67 12.96 -1.67 -5.32
CA PHE B 67 14.42 -1.49 -5.31
C PHE B 67 15.06 -1.92 -4.01
N SER B 68 16.40 -2.00 -3.99
CA SER B 68 17.13 -2.59 -2.87
C SER B 68 17.76 -1.60 -1.88
N GLU B 69 17.23 -1.55 -0.66
CA GLU B 69 17.83 -0.79 0.42
C GLU B 69 19.17 -1.41 0.82
N GLN B 70 19.27 -2.73 0.77
CA GLN B 70 20.51 -3.37 1.22
C GLN B 70 21.74 -2.87 0.44
N GLU B 71 21.62 -2.75 -0.88
CA GLU B 71 22.71 -2.21 -1.71
C GLU B 71 23.31 -0.98 -1.11
N LEU B 72 22.44 0.00 -0.85
CA LEU B 72 22.89 1.30 -0.34
C LEU B 72 23.51 1.15 1.02
N VAL B 73 22.79 0.48 1.92
CA VAL B 73 23.39 0.10 3.19
C VAL B 73 24.81 -0.51 3.04
N ASP B 74 25.02 -1.46 2.13
CA ASP B 74 26.35 -2.06 1.95
C ASP B 74 27.36 -1.17 1.22
N CYS B 75 26.91 -0.42 0.23
CA CYS B 75 27.80 0.19 -0.75
C CYS B 75 27.97 1.68 -0.65
N SER B 76 27.10 2.35 0.09
CA SER B 76 27.16 3.80 0.21
C SER B 76 28.20 4.16 1.27
N VAL B 77 29.43 4.36 0.80
CA VAL B 77 30.58 4.63 1.68
C VAL B 77 30.45 5.98 2.41
N LYS B 78 29.84 6.96 1.76
CA LYS B 78 29.50 8.20 2.44
C LYS B 78 28.42 8.06 3.53
N ASN B 79 27.77 6.90 3.69
CA ASN B 79 26.85 6.70 4.83
C ASN B 79 27.43 5.68 5.82
N ASN B 80 26.75 5.47 6.95
CA ASN B 80 27.21 4.55 7.99
C ASN B 80 26.29 3.33 8.19
N GLY B 81 25.79 2.79 7.08
CA GLY B 81 25.01 1.56 7.11
C GLY B 81 23.91 1.54 8.16
N CYS B 82 24.01 0.58 9.08
CA CYS B 82 22.99 0.42 10.11
C CYS B 82 23.06 1.48 11.20
N TYR B 83 24.15 2.24 11.25
CA TYR B 83 24.31 3.28 12.27
C TYR B 83 24.00 4.68 11.78
N GLY B 84 23.28 4.79 10.66
CA GLY B 84 22.76 6.07 10.22
C GLY B 84 23.30 6.51 8.87
N GLY B 85 22.73 7.59 8.37
CA GLY B 85 23.13 8.16 7.09
C GLY B 85 22.36 9.45 6.83
N TYR B 86 22.63 10.12 5.72
CA TYR B 86 21.89 11.33 5.37
C TYR B 86 21.20 11.11 4.06
N ILE B 87 20.13 11.86 3.83
CA ILE B 87 19.38 11.73 2.60
C ILE B 87 20.23 12.11 1.39
N THR B 88 20.85 13.28 1.44
CA THR B 88 21.57 13.82 0.28
C THR B 88 22.71 12.91 -0.20
N ASN B 89 23.35 12.26 0.77
CA ASN B 89 24.41 11.29 0.51
C ASN B 89 23.88 9.97 -0.06
N ALA B 90 22.67 9.59 0.34
CA ALA B 90 22.05 8.43 -0.24
C ALA B 90 21.88 8.66 -1.74
N PHE B 91 21.31 9.81 -2.12
CA PHE B 91 21.15 10.15 -3.54
C PHE B 91 22.49 10.21 -4.30
N ASP B 92 23.47 10.91 -3.72
CA ASP B 92 24.75 11.03 -4.41
C ASP B 92 25.31 9.65 -4.69
N ASP B 93 25.26 8.77 -3.71
CA ASP B 93 25.84 7.45 -3.89
C ASP B 93 25.05 6.63 -4.89
N MET B 94 23.73 6.78 -4.93
CA MET B 94 22.98 6.01 -5.92
C MET B 94 23.29 6.52 -7.33
N ILE B 95 23.68 7.78 -7.46
CA ILE B 95 24.15 8.26 -8.77
C ILE B 95 25.57 7.74 -9.10
N ASP B 96 26.50 7.93 -8.17
CA ASP B 96 27.92 7.52 -8.30
C ASP B 96 28.15 6.02 -8.53
N LEU B 97 27.34 5.19 -7.90
CA LEU B 97 27.36 3.72 -8.07
C LEU B 97 26.65 3.25 -9.36
N GLY B 98 26.03 4.15 -10.10
CA GLY B 98 25.37 3.76 -11.35
C GLY B 98 23.99 3.16 -11.18
N GLY B 99 23.25 3.60 -10.16
CA GLY B 99 21.84 3.24 -10.05
C GLY B 99 21.55 2.35 -8.87
N LEU B 100 20.28 2.04 -8.71
CA LEU B 100 19.80 1.11 -7.72
C LEU B 100 19.78 -0.30 -8.29
N CYS B 101 19.53 -1.29 -7.43
CA CYS B 101 19.25 -2.68 -7.84
C CYS B 101 17.84 -3.04 -7.48
N SER B 102 17.33 -4.06 -8.15
CA SER B 102 16.03 -4.57 -7.80
C SER B 102 16.16 -5.19 -6.45
N GLN B 103 15.04 -5.23 -5.76
CA GLN B 103 15.01 -5.93 -4.52
C GLN B 103 15.36 -7.39 -4.70
N ASP B 104 14.88 -8.01 -5.76
CA ASP B 104 15.10 -9.46 -5.90
C ASP B 104 16.56 -9.78 -6.18
N ASP B 105 17.34 -8.86 -6.72
CA ASP B 105 18.75 -9.16 -6.91
C ASP B 105 19.55 -9.05 -5.61
N TYR B 106 19.01 -8.38 -4.60
CA TYR B 106 19.83 -7.88 -3.50
C TYR B 106 18.92 -7.62 -2.28
N PRO B 107 18.44 -8.70 -1.66
CA PRO B 107 17.40 -8.68 -0.63
C PRO B 107 17.83 -8.02 0.67
N TYR B 108 16.87 -7.55 1.45
CA TYR B 108 17.16 -6.88 2.70
C TYR B 108 17.51 -7.83 3.85
N VAL B 109 18.74 -7.73 4.35
CA VAL B 109 19.19 -8.55 5.49
C VAL B 109 19.44 -7.76 6.78
N SER B 110 19.09 -6.47 6.80
CA SER B 110 19.05 -5.68 8.03
C SER B 110 20.40 -5.75 8.78
N ASN B 111 20.42 -6.40 9.94
CA ASN B 111 21.61 -6.52 10.77
C ASN B 111 22.77 -7.29 10.16
N LEU B 112 22.49 -8.29 9.31
CA LEU B 112 23.54 -9.25 8.91
C LEU B 112 24.70 -8.52 8.21
N PRO B 113 25.88 -8.44 8.87
CA PRO B 113 27.07 -7.91 8.18
C PRO B 113 27.27 -8.48 6.77
N GLU B 114 27.61 -7.60 5.83
CA GLU B 114 27.51 -7.94 4.43
C GLU B 114 28.28 -6.94 3.60
N THR B 115 29.28 -7.42 2.87
CA THR B 115 30.08 -6.54 2.07
C THR B 115 29.32 -6.23 0.79
N CYS B 116 29.72 -5.16 0.15
CA CYS B 116 29.03 -4.60 -0.98
C CYS B 116 29.40 -5.34 -2.26
N ASN B 117 28.41 -5.86 -2.97
CA ASN B 117 28.68 -6.69 -4.15
C ASN B 117 27.72 -6.43 -5.28
N LEU B 118 28.09 -5.49 -6.14
CA LEU B 118 27.26 -5.12 -7.28
C LEU B 118 27.31 -6.18 -8.40
N LYS B 119 28.11 -7.22 -8.23
CA LYS B 119 27.98 -8.45 -9.03
C LYS B 119 26.61 -9.09 -8.84
N ARG B 120 25.97 -8.83 -7.71
CA ARG B 120 24.62 -9.33 -7.44
C ARG B 120 23.52 -8.70 -8.29
N CYS B 121 23.80 -7.55 -8.91
CA CYS B 121 22.77 -6.81 -9.63
C CYS B 121 22.90 -7.04 -11.09
N ASN B 122 21.84 -7.52 -11.72
CA ASN B 122 21.80 -7.55 -13.18
C ASN B 122 21.45 -6.12 -13.63
N GLU B 123 20.18 -5.82 -13.85
CA GLU B 123 19.82 -4.53 -14.36
C GLU B 123 19.82 -3.47 -13.25
N ARG B 124 20.19 -2.24 -13.59
CA ARG B 124 20.23 -1.13 -12.65
C ARG B 124 19.24 -0.02 -13.02
N TYR B 125 18.89 0.77 -12.01
CA TYR B 125 17.86 1.82 -12.14
C TYR B 125 18.35 3.17 -11.60
N THR B 126 18.62 4.08 -12.53
CA THR B 126 19.26 5.33 -12.20
C THR B 126 18.25 6.45 -11.91
N ILE B 127 18.77 7.55 -11.41
CA ILE B 127 18.10 8.81 -11.35
C ILE B 127 19.04 9.84 -11.98
N LYS B 128 18.50 10.89 -12.60
CA LYS B 128 19.34 11.93 -13.21
C LYS B 128 19.89 12.88 -12.17
N SER B 129 19.07 13.17 -11.16
CA SER B 129 19.47 14.07 -10.05
C SER B 129 18.36 14.11 -8.99
N TYR B 130 18.48 15.08 -8.08
CA TYR B 130 17.51 15.26 -7.00
C TYR B 130 17.44 16.73 -6.58
N VAL B 131 16.32 17.14 -6.00
CA VAL B 131 16.10 18.56 -5.76
C VAL B 131 15.64 18.82 -4.34
N SER B 132 16.26 19.80 -3.71
CA SER B 132 15.87 20.23 -2.36
C SER B 132 14.56 21.00 -2.48
N ILE B 133 13.61 20.75 -1.59
CA ILE B 133 12.33 21.49 -1.62
C ILE B 133 12.34 22.64 -0.61
N PRO B 134 12.22 23.89 -1.11
CA PRO B 134 12.23 24.96 -0.12
C PRO B 134 11.13 24.71 0.90
N ASP B 135 11.25 25.35 2.06
CA ASP B 135 10.35 25.12 3.19
C ASP B 135 8.88 25.55 2.97
N ASP B 136 8.73 26.60 2.18
CA ASP B 136 7.41 27.13 1.89
C ASP B 136 6.77 26.46 0.64
N LYS B 137 7.30 25.29 0.24
CA LYS B 137 6.89 24.61 -1.00
C LYS B 137 6.51 23.12 -0.93
N PHE B 138 6.20 22.58 0.25
CA PHE B 138 6.05 21.11 0.35
C PHE B 138 4.86 20.61 -0.45
N LYS B 139 3.73 21.29 -0.29
CA LYS B 139 2.52 20.90 -0.97
C LYS B 139 2.70 21.01 -2.48
N GLU B 140 3.33 22.09 -2.93
CA GLU B 140 3.54 22.29 -4.37
C GLU B 140 4.45 21.18 -4.87
N ALA B 141 5.60 21.02 -4.23
CA ALA B 141 6.52 19.90 -4.50
C ALA B 141 5.79 18.54 -4.53
N LEU B 142 4.98 18.27 -3.51
CA LEU B 142 4.21 17.01 -3.45
C LEU B 142 3.26 16.84 -4.64
N ARG B 143 2.52 17.87 -5.00
CA ARG B 143 1.53 17.73 -6.07
C ARG B 143 2.14 17.44 -7.44
N TYR B 144 3.20 18.15 -7.79
CA TYR B 144 3.74 18.14 -9.17
C TYR B 144 5.07 17.40 -9.33
N LEU B 145 5.80 17.20 -8.25
CA LEU B 145 7.06 16.49 -8.33
C LEU B 145 6.93 15.08 -7.79
N GLY B 146 6.28 14.93 -6.63
CA GLY B 146 6.00 13.62 -6.02
C GLY B 146 6.45 13.48 -4.58
N PRO B 147 6.29 12.28 -4.00
CA PRO B 147 6.73 12.04 -2.62
C PRO B 147 8.14 12.52 -2.31
N ILE B 148 8.32 13.10 -1.11
CA ILE B 148 9.57 13.73 -0.70
C ILE B 148 10.28 12.93 0.40
N SER B 149 11.59 12.69 0.21
CA SER B 149 12.41 12.10 1.25
C SER B 149 12.65 13.19 2.30
N ILE B 150 12.33 12.93 3.56
CA ILE B 150 12.47 13.98 4.57
C ILE B 150 13.05 13.45 5.86
N SER B 151 13.78 14.31 6.56
CA SER B 151 14.11 14.09 7.97
C SER B 151 12.88 14.31 8.85
N ILE B 152 12.86 13.64 9.99
CA ILE B 152 11.87 13.88 11.00
C ILE B 152 12.58 13.76 12.37
N ALA B 153 11.97 14.31 13.42
CA ALA B 153 12.50 14.14 14.77
C ALA B 153 11.59 13.20 15.55
N ALA B 154 11.94 11.92 15.54
CA ALA B 154 11.11 10.92 16.17
C ALA B 154 11.38 10.87 17.68
N SER B 155 10.33 10.66 18.46
CA SER B 155 10.44 10.52 19.90
C SER B 155 10.03 9.12 20.33
N ASP B 156 10.22 8.82 21.61
CA ASP B 156 9.66 7.62 22.25
C ASP B 156 8.20 7.44 21.84
N ASP B 157 7.37 8.46 22.11
CA ASP B 157 5.93 8.40 21.81
C ASP B 157 5.70 7.97 20.36
N PHE B 158 6.44 8.60 19.47
CA PHE B 158 6.37 8.33 18.04
C PHE B 158 6.52 6.83 17.76
N ALA B 159 7.38 6.15 18.50
CA ALA B 159 7.54 4.71 18.34
C ALA B 159 6.25 3.95 18.71
N PHE B 160 5.72 4.22 19.90
CA PHE B 160 4.53 3.53 20.41
C PHE B 160 3.24 3.81 19.61
N TYR B 161 3.24 4.82 18.74
CA TYR B 161 2.10 5.17 17.90
C TYR B 161 1.56 4.00 17.07
N ARG B 162 0.24 3.84 17.14
CA ARG B 162 -0.45 2.72 16.51
C ARG B 162 -1.76 3.15 15.87
N GLY B 163 -1.92 4.43 15.55
CA GLY B 163 -3.07 4.84 14.73
C GLY B 163 -4.05 5.86 15.32
N GLY B 164 -4.79 6.47 14.41
CA GLY B 164 -5.72 7.52 14.80
C GLY B 164 -4.99 8.85 14.89
N PHE B 165 -5.39 9.65 15.89
CA PHE B 165 -5.03 11.06 15.94
C PHE B 165 -3.74 11.28 16.71
N TYR B 166 -2.68 11.72 16.03
CA TYR B 166 -1.37 11.80 16.69
C TYR B 166 -1.35 12.88 17.79
N ASP B 167 -1.20 12.46 19.05
CA ASP B 167 -1.25 13.36 20.23
C ASP B 167 0.12 13.44 20.93
N GLY B 168 1.16 12.89 20.32
CA GLY B 168 2.42 12.68 21.02
C GLY B 168 3.43 13.78 20.88
N GLU B 169 4.47 13.70 21.71
CA GLU B 169 5.54 14.70 21.73
C GLU B 169 6.48 14.46 20.55
N CYS B 170 7.19 15.51 20.15
CA CYS B 170 8.21 15.35 19.12
C CYS B 170 9.55 15.02 19.75
N GLY B 171 10.50 14.66 18.88
CA GLY B 171 11.88 14.41 19.29
C GLY B 171 12.59 15.72 19.55
N ALA B 172 13.65 15.67 20.35
CA ALA B 172 14.52 16.82 20.54
C ALA B 172 15.02 17.29 19.18
N ALA B 173 15.47 16.35 18.36
CA ALA B 173 16.27 16.64 17.18
C ALA B 173 15.91 15.72 16.04
N PRO B 174 16.35 16.06 14.80
CA PRO B 174 16.12 15.21 13.63
C PRO B 174 16.99 14.00 13.70
N ASN B 175 16.40 12.81 13.57
CA ASN B 175 17.13 11.57 13.87
C ASN B 175 16.66 10.38 13.06
N HIS B 176 15.81 10.63 12.08
CA HIS B 176 15.12 9.58 11.39
C HIS B 176 14.65 10.20 10.06
N ALA B 177 14.44 9.34 9.07
CA ALA B 177 14.05 9.73 7.72
C ALA B 177 12.82 8.95 7.36
N VAL B 178 11.90 9.62 6.66
CA VAL B 178 10.64 9.04 6.25
C VAL B 178 10.25 9.58 4.86
N ILE B 179 9.04 9.29 4.37
CA ILE B 179 8.60 9.83 3.09
C ILE B 179 7.27 10.57 3.26
N LEU B 180 7.23 11.84 2.86
CA LEU B 180 5.98 12.58 2.71
C LEU B 180 5.32 12.08 1.45
N VAL B 181 4.15 11.46 1.57
CA VAL B 181 3.43 10.90 0.45
C VAL B 181 2.14 11.68 0.11
N GLY B 182 1.80 12.70 0.89
CA GLY B 182 0.71 13.58 0.54
C GLY B 182 0.24 14.52 1.64
N TYR B 183 -0.92 15.13 1.42
CA TYR B 183 -1.59 15.87 2.50
C TYR B 183 -3.07 15.70 2.43
N GLY B 184 -3.76 16.09 3.48
CA GLY B 184 -5.19 16.00 3.52
C GLY B 184 -5.79 16.89 4.59
N MET B 185 -7.12 16.82 4.68
CA MET B 185 -7.90 17.63 5.61
C MET B 185 -9.08 16.81 6.13
N LYS B 186 -9.37 16.91 7.42
CA LYS B 186 -10.57 16.30 8.00
C LYS B 186 -11.18 17.27 8.98
N ASP B 187 -12.42 17.01 9.40
CA ASP B 187 -13.08 17.78 10.48
C ASP B 187 -13.19 16.96 11.79
N GLU B 197 -14.43 22.27 13.11
CA GLU B 197 -13.28 22.94 12.48
C GLU B 197 -12.34 22.07 11.60
N LYS B 198 -11.69 22.70 10.65
CA LYS B 198 -10.91 21.98 9.65
C LYS B 198 -9.50 21.65 10.16
N PHE B 199 -9.01 20.46 9.87
CA PHE B 199 -7.72 20.00 10.38
C PHE B 199 -6.89 19.45 9.22
N TYR B 200 -5.79 20.16 8.95
CA TYR B 200 -4.89 19.85 7.86
C TYR B 200 -3.74 19.00 8.34
N TYR B 201 -3.28 18.10 7.47
CA TYR B 201 -2.20 17.21 7.83
C TYR B 201 -1.38 16.79 6.67
N TYR B 202 -0.17 16.36 6.97
CA TYR B 202 0.67 15.69 6.01
C TYR B 202 0.55 14.18 6.27
N ILE B 203 0.74 13.37 5.23
CA ILE B 203 0.68 11.94 5.33
C ILE B 203 2.12 11.42 5.16
N ILE B 204 2.59 10.62 6.13
CA ILE B 204 3.99 10.17 6.17
C ILE B 204 4.06 8.67 6.15
N LYS B 205 4.85 8.13 5.24
CA LYS B 205 5.06 6.70 5.16
C LYS B 205 6.35 6.41 5.89
N ASN B 206 6.32 5.48 6.84
CA ASN B 206 7.47 5.15 7.71
C ASN B 206 7.98 3.78 7.29
N SER B 207 9.18 3.39 7.71
CA SER B 207 9.71 2.08 7.31
C SER B 207 9.90 1.12 8.49
N TRP B 208 8.88 1.04 9.34
CA TRP B 208 8.85 0.10 10.45
C TRP B 208 7.78 -0.96 10.25
N GLY B 209 7.41 -1.28 9.02
CA GLY B 209 6.32 -2.24 8.82
C GLY B 209 4.90 -1.67 9.03
N SER B 210 3.92 -2.46 8.60
CA SER B 210 2.51 -2.08 8.69
C SER B 210 1.88 -2.22 10.09
N ASP B 211 2.46 -3.05 10.95
CA ASP B 211 2.06 -3.05 12.36
C ASP B 211 2.26 -1.67 13.09
N TRP B 212 3.18 -0.82 12.64
CA TRP B 212 3.31 0.51 13.23
C TRP B 212 2.32 1.52 12.63
N GLY B 213 1.81 2.42 13.46
CA GLY B 213 0.99 3.51 12.96
C GLY B 213 -0.34 3.07 12.37
N GLU B 214 -0.81 3.78 11.35
CA GLU B 214 -2.00 3.42 10.59
C GLU B 214 -1.52 2.73 9.34
N GLY B 215 -1.41 1.41 9.40
CA GLY B 215 -0.91 0.62 8.28
C GLY B 215 0.49 0.99 7.80
N GLY B 216 1.27 1.66 8.65
CA GLY B 216 2.66 2.05 8.33
C GLY B 216 2.85 3.54 8.20
N TYR B 217 1.74 4.27 8.36
CA TYR B 217 1.69 5.71 8.07
C TYR B 217 1.35 6.49 9.33
N ILE B 218 1.62 7.78 9.30
CA ILE B 218 1.25 8.67 10.38
C ILE B 218 0.76 9.96 9.75
N ASN B 219 -0.27 10.57 10.34
CA ASN B 219 -0.73 11.90 9.94
C ASN B 219 -0.23 12.94 10.94
N LEU B 220 0.46 13.95 10.42
CA LEU B 220 1.03 15.04 11.22
C LEU B 220 0.46 16.42 10.83
N GLU B 221 0.00 17.15 11.85
CA GLU B 221 -0.70 18.40 11.65
C GLU B 221 0.11 19.42 10.89
N THR B 222 -0.52 20.04 9.89
CA THR B 222 -0.01 21.25 9.32
C THR B 222 -1.13 22.26 9.20
N ASP B 223 -0.85 23.37 8.51
CA ASP B 223 -1.86 24.40 8.20
C ASP B 223 -2.21 24.29 6.73
N GLU B 224 -3.14 25.14 6.26
CA GLU B 224 -3.60 25.07 4.87
C GLU B 224 -2.48 25.31 3.83
N ASN B 225 -1.57 26.20 4.17
CA ASN B 225 -0.44 26.49 3.28
C ASN B 225 0.60 25.42 3.28
N GLY B 226 0.55 24.52 4.26
CA GLY B 226 1.58 23.52 4.40
C GLY B 226 2.82 24.11 5.05
N TYR B 227 2.73 25.31 5.60
CA TYR B 227 3.87 25.93 6.25
C TYR B 227 4.16 25.31 7.62
N LYS B 228 3.14 25.06 8.42
CA LYS B 228 3.31 24.47 9.73
C LYS B 228 3.93 23.08 9.66
N LYS B 229 4.99 22.88 10.43
CA LYS B 229 5.83 21.68 10.34
C LYS B 229 6.00 20.99 11.68
N THR B 230 5.05 20.12 12.01
CA THR B 230 5.13 19.30 13.20
C THR B 230 6.33 18.34 13.12
N CYS B 231 7.01 18.16 14.25
CA CYS B 231 8.17 17.26 14.37
C CYS B 231 9.35 17.55 13.43
N SER B 232 9.46 18.80 12.98
CA SER B 232 10.58 19.30 12.18
C SER B 232 10.77 18.55 10.85
N ILE B 233 9.66 18.17 10.25
CA ILE B 233 9.70 17.31 9.07
C ILE B 233 10.57 17.89 7.94
N GLY B 234 10.41 19.15 7.64
CA GLY B 234 11.13 19.66 6.46
C GLY B 234 12.66 19.64 6.38
N THR B 235 13.34 19.76 7.54
CA THR B 235 14.78 20.11 7.61
C THR B 235 15.53 19.68 6.35
N GLU B 236 15.74 18.36 6.18
CA GLU B 236 16.14 17.82 4.89
C GLU B 236 14.89 17.42 4.13
N ALA B 237 14.77 17.90 2.90
CA ALA B 237 13.65 17.60 2.04
C ALA B 237 14.15 17.49 0.60
N TYR B 238 14.16 16.27 0.06
CA TYR B 238 14.60 16.06 -1.34
C TYR B 238 13.69 15.19 -2.19
N VAL B 239 13.62 15.50 -3.47
CA VAL B 239 12.88 14.68 -4.39
C VAL B 239 13.81 14.22 -5.47
N PRO B 240 13.72 12.95 -5.82
CA PRO B 240 14.61 12.47 -6.85
C PRO B 240 13.96 12.65 -8.22
N LEU B 241 14.79 12.91 -9.21
CA LEU B 241 14.32 13.19 -10.56
C LEU B 241 14.87 12.16 -11.57
N LEU B 242 13.99 11.72 -12.45
CA LEU B 242 14.35 10.85 -13.55
C LEU B 242 14.48 11.74 -14.79
N LEU C 2 -16.26 -22.47 5.86
CA LEU C 2 -15.79 -21.44 6.77
C LEU C 2 -14.43 -20.97 6.23
N LEU C 3 -14.28 -19.66 6.26
CA LEU C 3 -13.07 -18.98 5.81
C LEU C 3 -12.55 -18.24 7.04
N LEU D 2 22.45 12.77 11.50
CA LEU D 2 22.49 11.31 11.19
C LEU D 2 21.08 10.80 11.39
N LEU D 3 20.51 10.32 10.32
CA LEU D 3 19.16 9.80 10.41
C LEU D 3 19.32 8.28 10.47
#